data_8TTN
#
_entry.id   8TTN
#
_entity_poly.entity_id   1
_entity_poly.type   'polypeptide(L)'
_entity_poly.pdbx_seq_one_letter_code
;MAEPRQEFEVMEDHAGTYGLGDRKDQGGYTMHQDQEGDTDAGLKAEEAGIGDTPSLEDEAAGHVTQARMVSKSKDGTGSD
DKKAKGADGKTKIATPRGAAPPGQKGQANATRIPAKTPPAPKTPPSSGEPPKSGDRSGYSSPGSPGTPGSRSRTPSLPTP
PTREPKKVAVVRTPPKSPSSAKSRLQTAPVPMPDLKNVKSKIGSTENLKHQPGGGKVQIINKKLDLSNVQSKCGSKDNIK
HVPGGGSVQIVYKPVDLSKVTSKCGSLGNIHHKPGGGQVEVKSEKLDFKDRVQSKIGSLDNITHVPGGGNKKIETHKLTF
RENAKAKTDHGAEIVYKEPVVEGDEEPRHLSNVSSTGSIDMVDSPQLATLADEVSASLAKQGL
;
_entity_poly.pdbx_strand_id   A,B,C,D,E
#
# COMPACT_ATOMS: atom_id res chain seq x y z
N GLY A 215 5.14 -47.74 -1.72
CA GLY A 215 4.79 -46.35 -1.38
C GLY A 215 4.82 -45.43 -2.58
N LYS A 216 6.01 -45.02 -3.02
CA LYS A 216 6.29 -44.10 -4.15
C LYS A 216 5.60 -42.74 -4.04
N VAL A 217 5.58 -42.14 -2.86
CA VAL A 217 5.08 -40.77 -2.72
C VAL A 217 6.02 -39.84 -3.50
N GLN A 218 5.49 -38.94 -4.33
CA GLN A 218 6.25 -37.98 -5.13
C GLN A 218 5.71 -36.55 -4.97
N ILE A 219 6.57 -35.58 -4.63
CA ILE A 219 6.22 -34.16 -4.51
C ILE A 219 7.12 -33.35 -5.46
N ILE A 220 6.53 -32.53 -6.33
CA ILE A 220 7.21 -31.66 -7.29
C ILE A 220 6.71 -30.23 -7.08
N ASN A 221 7.60 -29.26 -7.02
CA ASN A 221 7.25 -27.86 -6.85
C ASN A 221 8.16 -27.01 -7.74
N LYS A 222 7.71 -26.68 -8.95
CA LYS A 222 8.47 -25.85 -9.92
C LYS A 222 7.91 -24.44 -9.93
N LYS A 223 8.71 -23.50 -9.47
CA LYS A 223 8.39 -22.08 -9.39
C LYS A 223 9.40 -21.29 -10.22
N LEU A 224 8.91 -20.47 -11.14
CA LEU A 224 9.73 -19.55 -11.95
C LEU A 224 9.21 -18.14 -11.65
N ASP A 225 10.08 -17.23 -11.26
CA ASP A 225 9.73 -15.85 -10.93
C ASP A 225 10.42 -14.81 -11.81
N LEU A 226 9.63 -14.00 -12.50
CA LEU A 226 10.05 -12.81 -13.23
C LEU A 226 9.13 -11.73 -12.68
N SER A 227 9.65 -10.72 -12.01
CA SER A 227 8.78 -9.71 -11.42
C SER A 227 9.53 -8.42 -11.28
N ASN A 228 8.80 -7.35 -11.49
CA ASN A 228 9.34 -6.04 -11.31
C ASN A 228 8.64 -5.49 -10.08
N VAL A 229 9.41 -5.12 -9.05
CA VAL A 229 8.86 -4.50 -7.85
C VAL A 229 9.62 -3.19 -7.69
N GLN A 230 8.96 -2.02 -7.73
CA GLN A 230 9.69 -0.76 -7.63
C GLN A 230 8.96 0.42 -6.98
N SER A 231 9.69 1.29 -6.29
CA SER A 231 9.15 2.52 -5.73
C SER A 231 9.96 3.74 -6.21
N LYS A 232 9.31 4.79 -6.75
CA LYS A 232 9.94 6.05 -7.27
C LYS A 232 11.04 5.76 -8.32
N CYS A 233 10.86 4.77 -9.19
CA CYS A 233 11.88 4.35 -10.15
C CYS A 233 12.30 5.35 -11.24
N GLY A 234 11.39 6.08 -11.87
CA GLY A 234 11.74 7.11 -12.86
C GLY A 234 11.05 8.40 -12.47
N SER A 235 11.82 9.47 -12.35
CA SER A 235 11.26 10.77 -11.99
C SER A 235 12.05 11.90 -12.60
N LYS A 236 11.38 12.88 -13.20
CA LYS A 236 12.03 14.07 -13.75
C LYS A 236 11.56 15.18 -12.84
N ASP A 237 12.50 15.87 -12.21
CA ASP A 237 12.22 16.92 -11.22
C ASP A 237 13.00 18.20 -11.54
N ASN A 238 12.35 19.36 -11.70
CA ASN A 238 13.02 20.60 -12.07
C ASN A 238 12.55 21.88 -11.39
N ILE A 239 13.48 22.79 -11.13
CA ILE A 239 13.18 24.14 -10.66
C ILE A 239 13.88 25.00 -11.72
N LYS A 240 13.15 25.89 -12.38
CA LYS A 240 13.69 26.70 -13.49
C LYS A 240 13.12 28.11 -13.63
N HIS A 241 13.87 28.92 -14.36
CA HIS A 241 13.48 30.24 -14.88
C HIS A 241 12.98 31.28 -13.88
N VAL A 242 13.77 31.66 -12.87
CA VAL A 242 13.47 32.73 -11.91
C VAL A 242 14.01 34.14 -12.30
N PRO A 243 13.40 34.99 -13.18
CA PRO A 243 13.88 36.35 -13.48
C PRO A 243 13.19 37.54 -12.77
N GLY A 244 12.39 37.32 -11.73
CA GLY A 244 11.61 38.37 -11.07
C GLY A 244 12.24 39.58 -10.36
N GLY A 245 13.33 39.44 -9.61
CA GLY A 245 13.89 40.56 -8.83
C GLY A 245 13.17 40.83 -7.50
N GLY A 246 12.21 39.97 -7.15
CA GLY A 246 11.39 39.95 -5.94
C GLY A 246 11.71 38.66 -5.20
N SER A 247 11.86 38.74 -3.89
CA SER A 247 12.21 37.60 -3.03
C SER A 247 11.42 36.32 -3.32
N VAL A 248 12.13 35.27 -3.68
CA VAL A 248 11.54 33.97 -3.92
C VAL A 248 12.15 32.99 -2.92
N GLN A 249 11.30 32.24 -2.24
CA GLN A 249 11.66 31.19 -1.29
C GLN A 249 10.99 29.91 -1.73
N ILE A 250 11.69 28.79 -1.75
CA ILE A 250 11.08 27.51 -2.12
C ILE A 250 11.63 26.49 -1.14
N VAL A 251 10.75 25.76 -0.44
CA VAL A 251 11.17 24.66 0.41
C VAL A 251 10.66 23.43 -0.29
N TYR A 252 11.60 22.70 -0.84
CA TYR A 252 11.28 21.48 -1.52
C TYR A 252 11.13 20.35 -0.50
N LYS A 253 10.58 19.21 -0.92
CA LYS A 253 10.30 18.03 -0.07
C LYS A 253 11.32 17.79 1.07
N PRO A 254 11.09 18.24 2.33
CA PRO A 254 12.04 18.00 3.39
C PRO A 254 12.28 16.51 3.67
N VAL A 255 11.22 15.70 3.68
CA VAL A 255 11.31 14.26 3.92
C VAL A 255 10.76 13.54 2.68
N ASP A 256 11.56 12.68 2.06
CA ASP A 256 11.26 11.92 0.85
C ASP A 256 11.88 10.55 1.06
N LEU A 257 11.05 9.54 1.31
CA LEU A 257 11.50 8.18 1.63
C LEU A 257 10.90 7.12 0.73
N SER A 258 11.73 6.20 0.25
CA SER A 258 11.27 5.04 -0.51
C SER A 258 11.81 3.76 0.14
N LYS A 259 10.92 2.83 0.50
CA LYS A 259 11.27 1.55 1.14
C LYS A 259 10.65 0.39 0.38
N VAL A 260 11.43 -0.63 0.01
CA VAL A 260 10.96 -1.85 -0.65
C VAL A 260 11.42 -3.06 0.14
N THR A 261 10.52 -3.98 0.47
CA THR A 261 10.87 -5.22 1.17
C THR A 261 10.34 -6.40 0.37
N SER A 262 11.14 -7.44 0.17
CA SER A 262 10.69 -8.63 -0.55
C SER A 262 11.28 -9.91 0.03
N LYS A 263 10.51 -11.01 -0.02
CA LYS A 263 10.89 -12.37 0.42
C LYS A 263 11.34 -12.47 1.89
N CYS A 264 10.69 -11.75 2.80
CA CYS A 264 10.98 -11.78 4.23
C CYS A 264 10.40 -13.06 4.91
N GLY A 265 10.82 -13.38 6.13
CA GLY A 265 10.40 -14.59 6.88
C GLY A 265 10.89 -15.94 6.34
N SER A 266 10.03 -16.97 6.21
CA SER A 266 10.45 -18.32 5.81
C SER A 266 9.98 -18.72 4.40
N LEU A 267 10.90 -19.12 3.51
CA LEU A 267 10.55 -19.52 2.14
C LEU A 267 11.42 -20.60 1.53
N GLY A 268 10.83 -21.41 0.66
CA GLY A 268 11.54 -22.44 -0.08
C GLY A 268 12.31 -23.42 0.80
N ASN A 269 11.77 -23.78 1.96
CA ASN A 269 12.39 -24.70 2.93
C ASN A 269 11.68 -26.04 2.88
N ILE A 270 12.46 -27.09 2.76
CA ILE A 270 11.99 -28.47 2.61
C ILE A 270 12.32 -29.27 3.86
N HIS A 271 11.30 -29.92 4.42
CA HIS A 271 11.44 -30.76 5.60
C HIS A 271 10.96 -32.17 5.28
N HIS A 272 11.78 -33.18 5.51
CA HIS A 272 11.39 -34.59 5.37
C HIS A 272 11.55 -35.06 6.79
N LYS A 273 10.46 -35.41 7.47
CA LYS A 273 10.55 -35.74 8.89
C LYS A 273 9.49 -36.77 9.29
N PRO A 274 9.65 -38.05 8.94
CA PRO A 274 8.67 -39.07 9.30
C PRO A 274 8.93 -39.63 10.69
N GLY A 275 8.06 -39.30 11.64
CA GLY A 275 8.09 -39.82 12.99
C GLY A 275 6.68 -40.22 13.45
N GLY A 276 6.47 -41.42 14.02
CA GLY A 276 5.13 -41.87 14.43
C GLY A 276 4.45 -41.05 15.54
N GLY A 277 5.19 -40.68 16.58
CA GLY A 277 4.70 -39.90 17.72
C GLY A 277 5.61 -38.72 18.01
N GLN A 278 5.54 -37.66 17.20
CA GLN A 278 6.42 -36.49 17.24
C GLN A 278 5.68 -35.20 17.57
N VAL A 279 6.24 -34.36 18.42
CA VAL A 279 5.70 -33.05 18.84
C VAL A 279 6.50 -31.89 18.21
N GLU A 280 5.82 -30.96 17.54
CA GLU A 280 6.43 -29.75 16.95
C GLU A 280 5.68 -28.48 17.31
N VAL A 281 6.39 -27.50 17.88
CA VAL A 281 5.86 -26.19 18.25
C VAL A 281 6.65 -25.12 17.52
N LYS A 282 5.96 -24.16 16.89
CA LYS A 282 6.56 -23.05 16.13
C LYS A 282 5.82 -21.74 16.28
N SER A 283 6.54 -20.66 16.56
CA SER A 283 5.99 -19.32 16.66
C SER A 283 6.79 -18.48 15.68
N GLU A 284 6.13 -17.70 14.83
CA GLU A 284 6.78 -16.85 13.84
C GLU A 284 6.12 -15.49 13.86
N LYS A 285 6.86 -14.49 14.29
CA LYS A 285 6.41 -13.11 14.36
C LYS A 285 7.30 -12.22 13.51
N LEU A 286 6.69 -11.46 12.61
CA LEU A 286 7.35 -10.42 11.81
C LEU A 286 6.64 -9.15 12.28
N ASP A 287 7.40 -8.22 12.80
CA ASP A 287 6.92 -6.96 13.33
C ASP A 287 7.64 -5.82 12.59
N PHE A 288 6.89 -4.97 11.90
CA PHE A 288 7.41 -3.87 11.08
C PHE A 288 6.80 -2.55 11.53
N LYS A 289 7.49 -1.78 12.38
CA LYS A 289 6.98 -0.50 12.86
C LYS A 289 7.85 0.67 12.39
N ASP A 290 7.26 1.64 11.72
CA ASP A 290 7.90 2.86 11.23
C ASP A 290 7.18 4.10 11.75
N ARG A 291 7.91 5.07 12.32
CA ARG A 291 7.37 6.33 12.84
C ARG A 291 8.07 7.52 12.16
N VAL A 292 7.32 8.43 11.56
CA VAL A 292 7.86 9.61 10.87
C VAL A 292 7.30 10.87 11.51
N GLN A 293 8.14 11.84 11.83
CA GLN A 293 7.74 13.10 12.44
C GLN A 293 8.45 14.24 11.72
N SER A 294 7.66 15.14 11.11
CA SER A 294 8.14 16.30 10.35
C SER A 294 7.60 17.62 10.91
N LYS A 295 8.45 18.62 11.11
CA LYS A 295 8.04 19.94 11.61
C LYS A 295 8.61 21.06 10.71
N ILE A 296 7.79 22.04 10.33
CA ILE A 296 8.14 23.23 9.53
C ILE A 296 7.57 24.45 10.27
N GLY A 297 8.20 24.73 11.41
CA GLY A 297 7.81 25.75 12.36
C GLY A 297 7.89 27.21 11.93
N SER A 298 9.00 27.69 11.36
CA SER A 298 9.12 29.10 10.98
C SER A 298 9.83 29.40 9.65
N LEU A 299 9.09 29.82 8.61
CA LEU A 299 9.71 30.27 7.35
C LEU A 299 9.23 31.72 7.08
N ASP A 300 10.13 32.67 6.86
CA ASP A 300 9.77 34.07 6.56
C ASP A 300 10.33 34.58 5.22
N ASN A 301 9.47 35.14 4.36
CA ASN A 301 9.81 35.75 3.08
C ASN A 301 9.43 37.22 3.02
N ILE A 302 10.37 38.14 2.76
CA ILE A 302 10.11 39.59 2.72
C ILE A 302 10.69 40.26 1.48
N THR A 303 9.89 41.11 0.82
CA THR A 303 10.32 41.93 -0.31
C THR A 303 10.11 43.42 -0.01
N HIS A 304 11.12 44.25 -0.22
CA HIS A 304 11.10 45.72 -0.03
C HIS A 304 10.53 46.18 1.32
N GLY B 215 -0.09 -46.85 -2.39
CA GLY B 215 -0.15 -45.39 -2.17
C GLY B 215 -0.07 -44.61 -3.47
N LYS B 216 1.12 -44.48 -4.05
CA LYS B 216 1.40 -43.79 -5.33
C LYS B 216 0.87 -42.33 -5.37
N VAL B 217 0.94 -41.64 -4.24
CA VAL B 217 0.52 -40.23 -4.07
C VAL B 217 1.42 -39.32 -4.92
N GLN B 218 0.86 -38.40 -5.71
CA GLN B 218 1.61 -37.44 -6.54
C GLN B 218 1.10 -36.02 -6.30
N ILE B 219 1.98 -35.06 -6.01
CA ILE B 219 1.64 -33.64 -5.81
C ILE B 219 2.47 -32.79 -6.75
N ILE B 220 1.86 -31.92 -7.53
CA ILE B 220 2.55 -31.01 -8.43
C ILE B 220 2.07 -29.59 -8.20
N ASN B 221 2.98 -28.64 -8.14
CA ASN B 221 2.69 -27.22 -7.97
C ASN B 221 3.58 -26.48 -8.96
N LYS B 222 3.06 -26.16 -10.16
CA LYS B 222 3.79 -25.39 -11.17
C LYS B 222 3.26 -23.98 -11.10
N LYS B 223 4.06 -23.04 -10.62
CA LYS B 223 3.67 -21.65 -10.50
C LYS B 223 4.62 -20.79 -11.31
N LEU B 224 4.08 -20.03 -12.24
CA LEU B 224 4.87 -19.15 -13.08
C LEU B 224 4.41 -17.75 -12.77
N ASP B 225 5.32 -16.88 -12.39
CA ASP B 225 4.97 -15.53 -12.01
C ASP B 225 5.62 -14.49 -12.91
N LEU B 226 4.78 -13.69 -13.59
CA LEU B 226 5.20 -12.51 -14.35
C LEU B 226 4.31 -11.44 -13.74
N SER B 227 4.84 -10.50 -12.97
CA SER B 227 3.95 -9.52 -12.33
C SER B 227 4.67 -8.25 -11.96
N ASN B 228 3.99 -7.13 -12.14
CA ASN B 228 4.56 -5.84 -11.86
C ASN B 228 3.87 -5.23 -10.64
N VAL B 229 4.61 -4.85 -9.58
CA VAL B 229 4.07 -4.21 -8.38
C VAL B 229 4.80 -2.88 -8.24
N GLN B 230 4.13 -1.73 -8.29
CA GLN B 230 4.87 -0.45 -8.18
C GLN B 230 4.18 0.73 -7.49
N SER B 231 4.93 1.60 -6.84
CA SER B 231 4.40 2.85 -6.29
C SER B 231 5.20 4.02 -6.86
N LYS B 232 4.54 5.05 -7.40
CA LYS B 232 5.17 6.25 -7.97
C LYS B 232 6.18 5.95 -9.09
N CYS B 233 5.90 5.00 -9.97
CA CYS B 233 6.88 4.58 -11.01
C CYS B 233 7.33 5.65 -12.01
N GLY B 234 6.45 6.49 -12.54
CA GLY B 234 6.81 7.55 -13.47
C GLY B 234 6.22 8.87 -13.00
N SER B 235 7.04 9.91 -12.87
CA SER B 235 6.54 11.22 -12.46
C SER B 235 7.34 12.36 -13.05
N LYS B 236 6.64 13.39 -13.54
CA LYS B 236 7.27 14.61 -14.05
C LYS B 236 6.84 15.75 -13.13
N ASP B 237 7.77 16.45 -12.53
CA ASP B 237 7.45 17.51 -11.57
C ASP B 237 8.22 18.81 -11.92
N ASN B 238 7.54 19.97 -12.03
CA ASN B 238 8.20 21.23 -12.36
C ASN B 238 7.70 22.50 -11.62
N ILE B 239 8.60 23.42 -11.28
CA ILE B 239 8.24 24.76 -10.76
C ILE B 239 8.91 25.68 -11.78
N LYS B 240 8.19 26.62 -12.40
CA LYS B 240 8.80 27.42 -13.47
C LYS B 240 8.34 28.86 -13.60
N HIS B 241 9.14 29.67 -14.29
CA HIS B 241 8.75 31.00 -14.76
C HIS B 241 8.21 32.02 -13.76
N VAL B 242 8.98 32.35 -12.72
CA VAL B 242 8.62 33.42 -11.75
C VAL B 242 9.14 34.85 -12.09
N PRO B 243 8.56 35.69 -12.96
CA PRO B 243 9.02 37.06 -13.26
C PRO B 243 8.31 38.21 -12.52
N GLY B 244 7.50 37.96 -11.48
CA GLY B 244 6.71 39.01 -10.83
C GLY B 244 7.35 40.18 -10.08
N GLY B 245 8.40 40.00 -9.29
CA GLY B 245 8.89 41.12 -8.46
C GLY B 245 8.07 41.31 -7.16
N GLY B 246 7.17 40.36 -6.89
CA GLY B 246 6.30 40.24 -5.72
C GLY B 246 6.69 38.98 -4.96
N SER B 247 6.77 39.02 -3.64
CA SER B 247 7.15 37.87 -2.82
C SER B 247 6.47 36.55 -3.18
N VAL B 248 7.25 35.53 -3.54
CA VAL B 248 6.70 34.19 -3.86
C VAL B 248 7.29 33.17 -2.89
N GLN B 249 6.44 32.42 -2.21
CA GLN B 249 6.81 31.40 -1.25
C GLN B 249 6.16 30.10 -1.68
N ILE B 250 6.90 28.99 -1.71
CA ILE B 250 6.30 27.70 -2.08
C ILE B 250 6.84 26.65 -1.14
N VAL B 251 5.96 25.90 -0.49
CA VAL B 251 6.39 24.75 0.30
C VAL B 251 5.86 23.58 -0.53
N TYR B 252 6.76 22.88 -1.20
CA TYR B 252 6.42 21.75 -2.03
C TYR B 252 6.26 20.49 -1.19
N LYS B 253 5.69 19.39 -1.71
CA LYS B 253 5.29 18.17 -0.96
C LYS B 253 6.20 17.87 0.24
N PRO B 254 5.84 18.31 1.46
CA PRO B 254 6.69 18.16 2.64
C PRO B 254 7.06 16.75 3.05
N VAL B 255 6.10 15.85 3.07
CA VAL B 255 6.35 14.45 3.39
C VAL B 255 5.87 13.64 2.19
N ASP B 256 6.74 12.81 1.64
CA ASP B 256 6.42 11.98 0.49
C ASP B 256 7.11 10.65 0.75
N LEU B 257 6.32 9.64 1.11
CA LEU B 257 6.78 8.32 1.50
C LEU B 257 6.15 7.28 0.60
N SER B 258 6.96 6.36 0.07
CA SER B 258 6.45 5.25 -0.74
C SER B 258 6.94 3.95 -0.13
N LYS B 259 6.05 3.01 0.16
CA LYS B 259 6.41 1.72 0.76
C LYS B 259 5.88 0.54 -0.06
N VAL B 260 6.72 -0.43 -0.42
CA VAL B 260 6.24 -1.63 -1.12
C VAL B 260 6.71 -2.86 -0.34
N THR B 261 5.82 -3.79 0.00
CA THR B 261 6.18 -5.03 0.69
C THR B 261 5.65 -6.20 -0.14
N SER B 262 6.47 -7.23 -0.38
CA SER B 262 6.03 -8.38 -1.17
C SER B 262 6.58 -9.71 -0.69
N LYS B 263 5.79 -10.78 -0.83
CA LYS B 263 6.17 -12.16 -0.47
C LYS B 263 6.65 -12.29 1.00
N CYS B 264 6.05 -11.57 1.95
CA CYS B 264 6.37 -11.64 3.40
C CYS B 264 5.71 -12.87 4.07
N GLY B 265 6.13 -13.21 5.30
CA GLY B 265 5.65 -14.38 6.07
C GLY B 265 6.12 -15.77 5.58
N SER B 266 5.23 -16.76 5.38
CA SER B 266 5.64 -18.13 5.00
C SER B 266 5.25 -18.52 3.55
N LEU B 267 6.20 -18.94 2.70
CA LEU B 267 5.84 -19.31 1.32
C LEU B 267 6.67 -20.44 0.68
N GLY B 268 6.03 -21.23 -0.17
CA GLY B 268 6.68 -22.28 -0.94
C GLY B 268 7.46 -23.31 -0.10
N ASN B 269 6.95 -23.67 1.08
CA ASN B 269 7.61 -24.60 1.98
C ASN B 269 6.90 -25.94 1.91
N ILE B 270 7.68 -27.01 1.79
CA ILE B 270 7.20 -28.40 1.68
C ILE B 270 7.49 -29.17 2.95
N HIS B 271 6.46 -29.76 3.52
CA HIS B 271 6.62 -30.64 4.65
C HIS B 271 6.12 -32.01 4.23
N HIS B 272 6.98 -33.01 4.33
CA HIS B 272 6.60 -34.39 4.06
C HIS B 272 6.78 -34.94 5.46
N LYS B 273 5.70 -35.29 6.15
CA LYS B 273 5.81 -35.65 7.58
C LYS B 273 4.74 -36.69 7.99
N PRO B 274 4.88 -37.96 7.63
CA PRO B 274 3.87 -38.96 8.00
C PRO B 274 4.12 -39.52 9.40
N GLY B 275 3.23 -39.20 10.33
CA GLY B 275 3.23 -39.70 11.71
C GLY B 275 1.83 -40.13 12.16
N GLY B 276 1.66 -41.32 12.74
CA GLY B 276 0.34 -41.79 13.18
C GLY B 276 -0.32 -40.95 14.29
N GLY B 277 0.41 -40.54 15.31
CA GLY B 277 -0.11 -39.74 16.42
C GLY B 277 0.80 -38.55 16.65
N GLN B 278 0.76 -37.55 15.77
CA GLN B 278 1.69 -36.42 15.79
C GLN B 278 0.94 -35.13 16.17
N VAL B 279 1.53 -34.33 17.04
CA VAL B 279 0.97 -33.05 17.50
C VAL B 279 1.74 -31.91 16.87
N GLU B 280 1.03 -30.97 16.24
CA GLU B 280 1.65 -29.77 15.67
C GLU B 280 0.91 -28.51 16.09
N VAL B 281 1.64 -27.57 16.69
CA VAL B 281 1.11 -26.29 17.11
C VAL B 281 1.91 -25.20 16.40
N LYS B 282 1.21 -24.24 15.78
CA LYS B 282 1.89 -23.13 15.09
C LYS B 282 1.16 -21.83 15.34
N SER B 283 1.89 -20.79 15.66
CA SER B 283 1.34 -19.45 15.83
C SER B 283 2.11 -18.58 14.83
N GLU B 284 1.41 -17.81 14.01
CA GLU B 284 2.03 -16.98 12.98
C GLU B 284 1.36 -15.63 13.04
N LYS B 285 2.09 -14.60 13.47
CA LYS B 285 1.57 -13.25 13.65
C LYS B 285 2.34 -12.25 12.81
N LEU B 286 1.64 -11.44 12.01
CA LEU B 286 2.25 -10.39 11.21
C LEU B 286 1.71 -9.07 11.77
N ASP B 287 2.56 -8.18 12.25
CA ASP B 287 2.13 -6.87 12.74
C ASP B 287 2.88 -5.79 11.95
N PHE B 288 2.18 -4.93 11.21
CA PHE B 288 2.75 -3.87 10.36
C PHE B 288 2.16 -2.51 10.75
N LYS B 289 2.87 -1.66 11.51
CA LYS B 289 2.35 -0.33 11.90
C LYS B 289 3.15 0.85 11.36
N ASP B 290 2.49 1.81 10.72
CA ASP B 290 3.13 3.04 10.25
C ASP B 290 2.41 4.24 10.87
N ARG B 291 3.17 5.12 11.52
CA ARG B 291 2.61 6.33 12.12
C ARG B 291 3.31 7.54 11.54
N VAL B 292 2.57 8.50 11.01
CA VAL B 292 3.12 9.71 10.39
C VAL B 292 2.56 10.95 11.06
N GLN B 293 3.41 11.92 11.37
CA GLN B 293 3.00 13.18 11.97
C GLN B 293 3.65 14.38 11.25
N SER B 294 2.84 15.30 10.70
CA SER B 294 3.32 16.51 10.00
C SER B 294 2.78 17.80 10.63
N LYS B 295 3.64 18.79 10.86
CA LYS B 295 3.25 20.12 11.35
C LYS B 295 3.87 21.22 10.50
N ILE B 296 3.10 22.23 10.11
CA ILE B 296 3.49 23.43 9.33
C ILE B 296 2.91 24.61 10.10
N GLY B 297 3.51 24.91 11.26
CA GLY B 297 3.03 25.90 12.22
C GLY B 297 3.01 27.39 11.86
N SER B 298 4.11 27.98 11.38
CA SER B 298 4.17 29.43 11.06
C SER B 298 4.91 29.79 9.76
N LEU B 299 4.21 30.27 8.71
CA LEU B 299 4.86 30.77 7.49
C LEU B 299 4.40 32.23 7.26
N ASP B 300 5.32 33.18 7.07
CA ASP B 300 4.97 34.60 6.79
C ASP B 300 5.49 35.09 5.44
N ASN B 301 4.61 35.64 4.61
CA ASN B 301 4.91 36.20 3.30
C ASN B 301 4.52 37.68 3.24
N ILE B 302 5.48 38.55 2.94
CA ILE B 302 5.25 40.01 2.92
C ILE B 302 5.80 40.67 1.65
N THR B 303 4.97 41.51 1.04
CA THR B 303 5.33 42.31 -0.13
C THR B 303 5.10 43.79 0.16
N HIS B 304 6.09 44.64 -0.09
CA HIS B 304 6.09 46.10 0.12
C HIS B 304 5.70 46.52 1.55
N GLY C 215 -4.80 -48.02 -5.04
CA GLY C 215 -4.45 -46.74 -4.42
C GLY C 215 -4.53 -45.60 -5.42
N LYS C 216 -3.51 -44.73 -5.47
CA LYS C 216 -3.35 -43.54 -6.32
C LYS C 216 -4.19 -42.33 -5.89
N VAL C 217 -3.52 -41.20 -5.71
CA VAL C 217 -4.03 -39.86 -5.44
C VAL C 217 -3.20 -38.88 -6.28
N GLN C 218 -3.81 -37.86 -6.89
CA GLN C 218 -3.11 -36.97 -7.83
C GLN C 218 -3.61 -35.53 -7.73
N ILE C 219 -2.83 -34.65 -7.14
CA ILE C 219 -3.22 -33.24 -6.93
C ILE C 219 -2.30 -32.33 -7.77
N ILE C 220 -2.86 -31.63 -8.75
CA ILE C 220 -2.16 -30.75 -9.70
C ILE C 220 -2.64 -29.31 -9.52
N ASN C 221 -1.74 -28.41 -9.20
CA ASN C 221 -2.01 -26.99 -9.15
C ASN C 221 -1.12 -26.24 -10.16
N LYS C 222 -1.74 -25.57 -11.14
CA LYS C 222 -1.04 -24.76 -12.15
C LYS C 222 -1.50 -23.32 -12.00
N LYS C 223 -0.63 -22.43 -11.54
CA LYS C 223 -0.97 -21.00 -11.43
C LYS C 223 -0.09 -20.16 -12.34
N LEU C 224 -0.70 -19.36 -13.21
CA LEU C 224 0.01 -18.28 -13.92
C LEU C 224 -0.50 -16.93 -13.43
N ASP C 225 0.38 -16.14 -12.83
CA ASP C 225 0.07 -14.77 -12.40
C ASP C 225 0.75 -13.81 -13.36
N LEU C 226 -0.04 -13.03 -14.09
CA LEU C 226 0.34 -11.96 -15.03
C LEU C 226 0.10 -10.55 -14.47
N SER C 227 -0.36 -10.41 -13.24
CA SER C 227 -1.01 -9.19 -12.74
C SER C 227 -0.15 -7.94 -12.63
N ASN C 228 -0.83 -6.80 -12.58
CA ASN C 228 -0.29 -5.45 -12.57
C ASN C 228 -0.89 -4.67 -11.38
N VAL C 229 -0.13 -4.49 -10.31
CA VAL C 229 -0.58 -3.78 -9.10
C VAL C 229 0.13 -2.43 -9.01
N GLN C 230 -0.58 -1.31 -8.93
CA GLN C 230 0.03 0.03 -8.96
C GLN C 230 -0.57 1.04 -7.97
N SER C 231 0.18 2.07 -7.60
CA SER C 231 -0.24 3.19 -6.74
C SER C 231 0.51 4.48 -7.08
N LYS C 232 -0.18 5.52 -7.58
CA LYS C 232 0.41 6.80 -8.04
C LYS C 232 1.39 6.72 -9.22
N CYS C 233 1.19 5.79 -10.13
CA CYS C 233 2.21 5.39 -11.11
C CYS C 233 2.60 6.41 -12.20
N GLY C 234 1.79 7.43 -12.50
CA GLY C 234 1.92 8.18 -13.77
C GLY C 234 1.85 9.70 -13.69
N SER C 235 2.09 10.31 -12.52
CA SER C 235 1.73 11.71 -12.20
C SER C 235 2.55 12.80 -12.91
N LYS C 236 1.86 13.88 -13.30
CA LYS C 236 2.44 15.16 -13.72
C LYS C 236 1.97 16.28 -12.80
N ASP C 237 2.89 17.03 -12.21
CA ASP C 237 2.63 18.09 -11.24
C ASP C 237 3.37 19.37 -11.65
N ASN C 238 2.67 20.49 -11.86
CA ASN C 238 3.26 21.78 -12.24
C ASN C 238 2.75 22.96 -11.39
N ILE C 239 3.64 23.89 -11.07
CA ILE C 239 3.35 25.27 -10.66
C ILE C 239 4.08 26.19 -11.64
N LYS C 240 3.37 26.87 -12.54
CA LYS C 240 3.92 27.63 -13.68
C LYS C 240 3.56 29.12 -13.61
N HIS C 241 4.34 29.96 -14.29
CA HIS C 241 3.96 31.30 -14.74
C HIS C 241 3.35 32.20 -13.66
N VAL C 242 4.17 32.93 -12.91
CA VAL C 242 3.70 33.86 -11.85
C VAL C 242 4.23 35.29 -12.06
N PRO C 243 3.65 36.10 -12.97
CA PRO C 243 4.13 37.46 -13.28
C PRO C 243 3.64 38.57 -12.32
N GLY C 244 2.98 38.18 -11.23
CA GLY C 244 2.04 39.00 -10.47
C GLY C 244 2.47 40.36 -9.93
N GLY C 245 3.49 40.40 -9.07
CA GLY C 245 3.88 41.61 -8.33
C GLY C 245 3.08 41.91 -7.05
N GLY C 246 2.25 40.95 -6.62
CA GLY C 246 1.70 40.84 -5.27
C GLY C 246 2.18 39.54 -4.60
N SER C 247 1.90 39.38 -3.32
CA SER C 247 2.35 38.22 -2.54
C SER C 247 1.69 36.93 -3.01
N VAL C 248 2.45 35.89 -3.30
CA VAL C 248 1.92 34.56 -3.66
C VAL C 248 2.48 33.51 -2.70
N GLN C 249 1.61 32.79 -2.02
CA GLN C 249 1.99 31.71 -1.11
C GLN C 249 1.30 30.42 -1.49
N ILE C 250 2.05 29.35 -1.67
CA ILE C 250 1.48 28.03 -1.99
C ILE C 250 2.03 26.97 -1.04
N VAL C 251 1.16 26.17 -0.46
CA VAL C 251 1.54 24.98 0.30
C VAL C 251 1.01 23.76 -0.46
N TYR C 252 1.87 23.03 -1.15
CA TYR C 252 1.46 22.06 -2.15
C TYR C 252 1.68 20.63 -1.63
N LYS C 253 0.61 20.00 -1.16
CA LYS C 253 0.53 18.62 -0.64
C LYS C 253 1.40 18.26 0.59
N PRO C 254 1.22 18.91 1.75
CA PRO C 254 1.74 18.52 3.06
C PRO C 254 2.10 17.05 3.30
N VAL C 255 1.20 16.10 3.07
CA VAL C 255 1.46 14.66 3.30
C VAL C 255 0.98 13.88 2.09
N ASP C 256 1.88 13.27 1.34
CA ASP C 256 1.61 12.52 0.11
C ASP C 256 2.15 11.09 0.22
N LEU C 257 1.34 10.18 0.73
CA LEU C 257 1.76 8.80 0.99
C LEU C 257 1.26 7.85 -0.09
N SER C 258 2.02 6.81 -0.35
CA SER C 258 1.48 5.60 -0.96
C SER C 258 2.08 4.34 -0.34
N LYS C 259 1.25 3.32 -0.15
CA LYS C 259 1.64 2.00 0.35
C LYS C 259 1.08 0.90 -0.54
N VAL C 260 1.85 -0.17 -0.72
CA VAL C 260 1.44 -1.36 -1.47
C VAL C 260 1.92 -2.61 -0.75
N THR C 261 1.03 -3.49 -0.31
CA THR C 261 1.39 -4.84 0.17
C THR C 261 0.86 -5.89 -0.79
N SER C 262 1.67 -6.86 -1.16
CA SER C 262 1.24 -7.94 -2.06
C SER C 262 1.75 -9.29 -1.55
N LYS C 263 0.94 -10.34 -1.61
CA LYS C 263 1.34 -11.73 -1.30
C LYS C 263 1.97 -11.85 0.11
N CYS C 264 1.39 -11.19 1.11
CA CYS C 264 1.84 -11.21 2.50
C CYS C 264 0.92 -12.14 3.33
N GLY C 265 1.46 -13.07 4.11
CA GLY C 265 0.67 -14.04 4.87
C GLY C 265 1.23 -15.47 4.81
N SER C 266 0.49 -16.40 4.26
CA SER C 266 0.90 -17.79 4.03
C SER C 266 0.52 -18.29 2.64
N LEU C 267 1.48 -18.54 1.75
CA LEU C 267 1.16 -18.89 0.37
C LEU C 267 2.02 -19.97 -0.28
N GLY C 268 1.39 -20.86 -1.04
CA GLY C 268 2.10 -21.83 -1.90
C GLY C 268 2.72 -23.00 -1.14
N ASN C 269 2.40 -23.20 0.13
CA ASN C 269 2.93 -24.27 0.98
C ASN C 269 2.32 -25.64 0.64
N ILE C 270 3.04 -26.71 0.91
CA ILE C 270 2.57 -28.09 0.70
C ILE C 270 2.72 -28.87 2.01
N HIS C 271 1.69 -29.61 2.42
CA HIS C 271 1.76 -30.56 3.54
C HIS C 271 1.39 -31.93 3.05
N HIS C 272 2.23 -32.93 3.28
CA HIS C 272 1.86 -34.33 3.09
C HIS C 272 2.02 -35.01 4.44
N LYS C 273 0.90 -35.34 5.09
CA LYS C 273 0.85 -35.76 6.51
C LYS C 273 -0.14 -36.91 6.77
N PRO C 274 -0.03 -38.07 6.10
CA PRO C 274 -0.88 -39.21 6.42
C PRO C 274 -0.60 -39.74 7.84
N GLY C 275 -1.65 -40.16 8.55
CA GLY C 275 -1.54 -40.71 9.92
C GLY C 275 -2.83 -40.57 10.76
N GLY C 276 -3.23 -41.63 11.48
CA GLY C 276 -4.54 -41.77 12.10
C GLY C 276 -5.00 -40.77 13.15
N GLY C 277 -4.25 -40.52 14.22
CA GLY C 277 -4.72 -39.85 15.44
C GLY C 277 -4.19 -38.45 15.67
N GLN C 278 -3.58 -37.84 14.66
CA GLN C 278 -2.87 -36.57 14.73
C GLN C 278 -3.74 -35.38 15.15
N VAL C 279 -3.13 -34.45 15.86
CA VAL C 279 -3.78 -33.23 16.37
C VAL C 279 -3.06 -32.01 15.81
N GLU C 280 -3.78 -30.93 15.54
CA GLU C 280 -3.21 -29.73 14.92
C GLU C 280 -3.92 -28.47 15.38
N VAL C 281 -3.18 -27.44 15.76
CA VAL C 281 -3.70 -26.15 16.22
C VAL C 281 -2.88 -25.04 15.56
N LYS C 282 -3.47 -24.31 14.63
CA LYS C 282 -2.84 -23.18 13.92
C LYS C 282 -3.52 -21.89 14.34
N SER C 283 -2.77 -20.81 14.47
CA SER C 283 -3.31 -19.48 14.76
C SER C 283 -2.59 -18.47 13.89
N GLU C 284 -3.25 -17.98 12.88
CA GLU C 284 -2.74 -16.95 11.99
C GLU C 284 -3.37 -15.61 12.31
N LYS C 285 -2.60 -14.55 12.57
CA LYS C 285 -3.10 -13.19 12.74
C LYS C 285 -2.32 -12.24 11.83
N LEU C 286 -2.97 -11.43 11.02
CA LEU C 286 -2.32 -10.28 10.36
C LEU C 286 -2.95 -8.99 10.88
N ASP C 287 -2.12 -8.02 11.22
CA ASP C 287 -2.53 -6.85 11.97
C ASP C 287 -1.87 -5.62 11.34
N PHE C 288 -2.59 -4.91 10.48
CA PHE C 288 -2.06 -3.73 9.81
C PHE C 288 -2.67 -2.50 10.46
N LYS C 289 -1.87 -1.55 10.98
CA LYS C 289 -2.41 -0.30 11.55
C LYS C 289 -1.70 0.97 11.11
N ASP C 290 -2.38 1.83 10.37
CA ASP C 290 -1.89 3.16 10.00
C ASP C 290 -2.40 4.22 10.96
N ARG C 291 -1.61 5.27 11.16
CA ARG C 291 -2.10 6.52 11.73
C ARG C 291 -1.40 7.73 11.10
N VAL C 292 -2.15 8.61 10.47
CA VAL C 292 -1.63 9.82 9.82
C VAL C 292 -2.22 11.03 10.51
N GLN C 293 -1.38 11.90 11.04
CA GLN C 293 -1.78 13.08 11.81
C GLN C 293 -1.16 14.35 11.22
N SER C 294 -1.96 15.38 11.00
CA SER C 294 -1.57 16.58 10.24
C SER C 294 -2.05 17.86 10.92
N LYS C 295 -1.35 18.96 10.76
CA LYS C 295 -1.72 20.28 11.30
C LYS C 295 -1.09 21.41 10.48
N ILE C 296 -1.88 22.37 10.02
CA ILE C 296 -1.41 23.57 9.30
C ILE C 296 -1.85 24.80 10.07
N GLY C 297 -0.90 25.61 10.53
CA GLY C 297 -1.08 26.75 11.42
C GLY C 297 -0.98 28.08 10.71
N SER C 298 -0.46 29.09 11.39
CA SER C 298 -0.43 30.49 10.95
C SER C 298 0.23 30.67 9.57
N LEU C 299 -0.55 30.85 8.50
CA LEU C 299 -0.04 31.14 7.15
C LEU C 299 -0.48 32.55 6.75
N ASP C 300 0.44 33.51 6.80
CA ASP C 300 0.15 34.94 6.57
C ASP C 300 0.67 35.42 5.20
N ASN C 301 -0.15 36.13 4.43
CA ASN C 301 0.13 36.52 3.05
C ASN C 301 -0.36 37.94 2.75
N ILE C 302 0.57 38.88 2.64
CA ILE C 302 0.29 40.31 2.78
C ILE C 302 0.87 41.10 1.62
N THR C 303 0.06 41.98 1.03
CA THR C 303 0.49 42.91 -0.02
C THR C 303 0.20 44.36 0.37
N HIS C 304 1.23 45.21 0.37
CA HIS C 304 1.21 46.66 0.58
C HIS C 304 0.39 47.10 1.79
N GLY D 215 -9.69 -46.22 -5.07
CA GLY D 215 -9.82 -44.77 -4.79
C GLY D 215 -9.64 -43.93 -6.04
N LYS D 216 -8.42 -43.76 -6.52
CA LYS D 216 -8.03 -43.01 -7.75
C LYS D 216 -8.48 -41.53 -7.78
N VAL D 217 -8.44 -40.83 -6.64
CA VAL D 217 -8.83 -39.43 -6.47
C VAL D 217 -7.95 -38.50 -7.32
N GLN D 218 -8.54 -37.55 -8.06
CA GLN D 218 -7.84 -36.57 -8.88
C GLN D 218 -8.37 -35.15 -8.60
N ILE D 219 -7.49 -34.21 -8.29
CA ILE D 219 -7.85 -32.81 -8.05
C ILE D 219 -6.99 -31.92 -8.96
N ILE D 220 -7.64 -31.07 -9.73
CA ILE D 220 -6.99 -30.17 -10.66
C ILE D 220 -7.44 -28.75 -10.35
N ASN D 221 -6.47 -27.84 -10.31
CA ASN D 221 -6.70 -26.43 -10.08
C ASN D 221 -5.82 -25.60 -11.03
N LYS D 222 -6.39 -25.22 -12.18
CA LYS D 222 -5.69 -24.39 -13.18
C LYS D 222 -6.22 -22.98 -13.05
N LYS D 223 -5.37 -22.06 -12.60
CA LYS D 223 -5.77 -20.67 -12.44
C LYS D 223 -4.88 -19.73 -13.25
N LEU D 224 -5.48 -18.88 -14.07
CA LEU D 224 -4.75 -17.90 -14.88
C LEU D 224 -5.24 -16.51 -14.50
N ASP D 225 -4.35 -15.65 -14.07
CA ASP D 225 -4.68 -14.29 -13.65
C ASP D 225 -3.99 -13.19 -14.42
N LEU D 226 -4.76 -12.34 -15.09
CA LEU D 226 -4.24 -11.16 -15.72
C LEU D 226 -5.14 -10.13 -15.02
N SER D 227 -4.62 -9.23 -14.21
CA SER D 227 -5.52 -8.30 -13.52
C SER D 227 -4.79 -7.05 -13.14
N ASN D 228 -5.44 -5.93 -13.36
CA ASN D 228 -4.90 -4.64 -13.12
C ASN D 228 -5.61 -4.04 -11.92
N VAL D 229 -4.84 -3.68 -10.89
CA VAL D 229 -5.35 -3.08 -9.67
C VAL D 229 -4.62 -1.77 -9.53
N GLN D 230 -5.32 -0.65 -9.51
CA GLN D 230 -4.63 0.62 -9.40
C GLN D 230 -5.39 1.70 -8.62
N SER D 231 -4.68 2.53 -7.87
CA SER D 231 -5.27 3.70 -7.20
C SER D 231 -4.51 4.97 -7.62
N LYS D 232 -5.18 6.02 -8.09
CA LYS D 232 -4.55 7.29 -8.55
C LYS D 232 -3.50 7.10 -9.65
N CYS D 233 -3.76 6.22 -10.63
CA CYS D 233 -2.72 5.88 -11.60
C CYS D 233 -2.21 7.04 -12.48
N GLY D 234 -3.06 7.85 -13.11
CA GLY D 234 -2.60 8.97 -13.94
C GLY D 234 -3.28 10.24 -13.49
N SER D 235 -2.50 11.26 -13.19
CA SER D 235 -3.08 12.52 -12.75
C SER D 235 -2.23 13.66 -13.25
N LYS D 236 -2.92 14.63 -13.85
CA LYS D 236 -2.34 15.85 -14.39
C LYS D 236 -2.86 16.92 -13.45
N ASP D 237 -1.95 17.58 -12.78
CA ASP D 237 -2.28 18.57 -11.77
C ASP D 237 -1.50 19.87 -12.00
N ASN D 238 -2.18 21.01 -12.08
CA ASN D 238 -1.52 22.28 -12.35
C ASN D 238 -2.02 23.52 -11.60
N ILE D 239 -1.12 24.44 -11.28
CA ILE D 239 -1.47 25.77 -10.76
C ILE D 239 -0.80 26.69 -11.80
N LYS D 240 -1.52 27.59 -12.46
CA LYS D 240 -0.96 28.39 -13.57
C LYS D 240 -1.45 29.82 -13.68
N HIS D 241 -0.64 30.66 -14.33
CA HIS D 241 -1.00 32.01 -14.76
C HIS D 241 -1.54 32.99 -13.72
N VAL D 242 -0.81 33.24 -12.64
CA VAL D 242 -1.14 34.27 -11.60
C VAL D 242 -0.51 35.66 -11.91
N PRO D 243 -1.05 36.56 -12.78
CA PRO D 243 -0.49 37.90 -13.03
C PRO D 243 -1.21 39.01 -12.25
N GLY D 244 -2.01 38.67 -11.25
CA GLY D 244 -2.90 39.61 -10.57
C GLY D 244 -2.38 40.84 -9.81
N GLY D 245 -1.30 40.79 -9.03
CA GLY D 245 -0.88 41.99 -8.27
C GLY D 245 -1.67 42.18 -6.97
N GLY D 246 -2.52 41.21 -6.64
CA GLY D 246 -3.39 41.09 -5.48
C GLY D 246 -2.95 39.86 -4.69
N SER D 247 -2.86 39.97 -3.36
CA SER D 247 -2.39 38.88 -2.50
C SER D 247 -3.10 37.55 -2.80
N VAL D 248 -2.37 36.49 -3.20
CA VAL D 248 -2.94 35.15 -3.47
C VAL D 248 -2.37 34.08 -2.56
N GLN D 249 -3.24 33.31 -1.92
CA GLN D 249 -2.85 32.23 -1.03
C GLN D 249 -3.51 30.95 -1.50
N ILE D 250 -2.80 29.83 -1.59
CA ILE D 250 -3.43 28.59 -2.01
C ILE D 250 -2.89 27.44 -1.16
N VAL D 251 -3.76 26.67 -0.53
CA VAL D 251 -3.32 25.46 0.18
C VAL D 251 -3.85 24.33 -0.67
N TYR D 252 -2.94 23.61 -1.31
CA TYR D 252 -3.29 22.49 -2.16
C TYR D 252 -3.50 21.23 -1.33
N LYS D 253 -4.08 20.16 -1.90
CA LYS D 253 -4.49 18.89 -1.24
C LYS D 253 -3.58 18.52 -0.04
N PRO D 254 -3.91 18.90 1.22
CA PRO D 254 -3.05 18.69 2.37
C PRO D 254 -2.73 17.24 2.70
N VAL D 255 -3.70 16.34 2.72
CA VAL D 255 -3.40 14.94 3.03
C VAL D 255 -3.87 14.13 1.84
N ASP D 256 -2.99 13.35 1.23
CA ASP D 256 -3.31 12.59 0.05
C ASP D 256 -2.65 11.21 0.18
N LEU D 257 -3.47 10.21 0.46
CA LEU D 257 -2.98 8.85 0.77
C LEU D 257 -3.58 7.82 -0.16
N SER D 258 -2.76 6.95 -0.74
CA SER D 258 -3.27 5.84 -1.54
C SER D 258 -2.70 4.52 -1.02
N LYS D 259 -3.57 3.55 -0.70
CA LYS D 259 -3.19 2.24 -0.18
C LYS D 259 -3.73 1.13 -1.06
N VAL D 260 -2.88 0.21 -1.49
CA VAL D 260 -3.31 -0.96 -2.25
C VAL D 260 -2.82 -2.22 -1.53
N THR D 261 -3.69 -3.18 -1.24
CA THR D 261 -3.30 -4.49 -0.67
C THR D 261 -3.85 -5.61 -1.53
N SER D 262 -3.06 -6.64 -1.86
CA SER D 262 -3.56 -7.75 -2.68
C SER D 262 -2.98 -9.09 -2.27
N LYS D 263 -3.77 -10.16 -2.39
CA LYS D 263 -3.39 -11.54 -2.09
C LYS D 263 -2.86 -11.71 -0.64
N CYS D 264 -3.45 -10.98 0.31
CA CYS D 264 -3.12 -11.07 1.75
C CYS D 264 -3.76 -12.32 2.40
N GLY D 265 -3.36 -12.72 3.61
CA GLY D 265 -3.80 -13.93 4.35
C GLY D 265 -3.34 -15.29 3.84
N SER D 266 -4.23 -16.29 3.67
CA SER D 266 -3.82 -17.64 3.23
C SER D 266 -4.26 -17.97 1.80
N LEU D 267 -3.33 -18.33 0.92
CA LEU D 267 -3.67 -18.65 -0.48
C LEU D 267 -2.80 -19.71 -1.13
N GLY D 268 -3.36 -20.49 -2.05
CA GLY D 268 -2.61 -21.50 -2.79
C GLY D 268 -1.92 -22.56 -1.94
N ASN D 269 -2.50 -23.06 -0.84
CA ASN D 269 -1.86 -24.05 0.02
C ASN D 269 -2.48 -25.41 -0.22
N ILE D 270 -1.66 -26.45 -0.38
CA ILE D 270 -2.10 -27.83 -0.69
C ILE D 270 -1.84 -28.73 0.52
N HIS D 271 -2.87 -29.41 1.01
CA HIS D 271 -2.76 -30.36 2.12
C HIS D 271 -3.22 -31.75 1.69
N HIS D 272 -2.39 -32.76 1.84
CA HIS D 272 -2.74 -34.14 1.62
C HIS D 272 -2.57 -34.70 3.03
N LYS D 273 -3.67 -35.10 3.66
CA LYS D 273 -3.61 -35.53 5.06
C LYS D 273 -4.69 -36.55 5.42
N PRO D 274 -4.55 -37.80 4.98
CA PRO D 274 -5.53 -38.82 5.27
C PRO D 274 -5.23 -39.48 6.62
N GLY D 275 -6.09 -39.22 7.60
CA GLY D 275 -5.99 -39.81 8.95
C GLY D 275 -7.35 -40.32 9.41
N GLY D 276 -7.47 -41.52 9.96
CA GLY D 276 -8.77 -42.06 10.37
C GLY D 276 -9.54 -41.27 11.45
N GLY D 277 -8.89 -40.81 12.54
CA GLY D 277 -9.51 -40.06 13.65
C GLY D 277 -8.67 -38.86 14.07
N GLN D 278 -8.66 -37.81 13.26
CA GLN D 278 -7.78 -36.63 13.39
C GLN D 278 -8.53 -35.35 13.77
N VAL D 279 -7.97 -34.56 14.69
CA VAL D 279 -8.52 -33.30 15.22
C VAL D 279 -7.74 -32.11 14.64
N GLU D 280 -8.41 -31.15 14.01
CA GLU D 280 -7.77 -29.94 13.49
C GLU D 280 -8.51 -28.67 13.92
N VAL D 281 -7.81 -27.76 14.57
CA VAL D 281 -8.32 -26.50 15.08
C VAL D 281 -7.57 -25.36 14.42
N LYS D 282 -8.29 -24.35 13.96
CA LYS D 282 -7.67 -23.18 13.30
C LYS D 282 -8.35 -21.86 13.64
N SER D 283 -7.57 -20.84 13.93
CA SER D 283 -8.07 -19.47 14.13
C SER D 283 -7.34 -18.60 13.11
N GLU D 284 -8.05 -17.76 12.37
CA GLU D 284 -7.45 -16.86 11.37
C GLU D 284 -8.04 -15.47 11.56
N LYS D 285 -7.27 -14.47 12.01
CA LYS D 285 -7.79 -13.12 12.22
C LYS D 285 -7.07 -12.06 11.40
N LEU D 286 -7.82 -11.24 10.67
CA LEU D 286 -7.31 -10.12 9.88
C LEU D 286 -7.86 -8.83 10.46
N ASP D 287 -6.98 -7.95 10.91
CA ASP D 287 -7.36 -6.66 11.50
C ASP D 287 -6.63 -5.57 10.73
N PHE D 288 -7.37 -4.68 10.08
CA PHE D 288 -6.81 -3.57 9.31
C PHE D 288 -7.45 -2.29 9.80
N LYS D 289 -6.76 -1.52 10.65
CA LYS D 289 -7.32 -0.27 11.13
C LYS D 289 -6.50 0.94 10.69
N ASP D 290 -7.15 1.90 10.03
CA ASP D 290 -6.50 3.12 9.56
C ASP D 290 -7.16 4.36 10.16
N ARG D 291 -6.35 5.26 10.72
CA ARG D 291 -6.84 6.48 11.35
C ARG D 291 -6.20 7.72 10.70
N VAL D 292 -7.01 8.68 10.26
CA VAL D 292 -6.54 9.93 9.62
C VAL D 292 -7.07 11.14 10.38
N GLN D 293 -6.23 12.11 10.73
CA GLN D 293 -6.69 13.29 11.47
C GLN D 293 -6.01 14.55 10.89
N SER D 294 -6.79 15.48 10.34
CA SER D 294 -6.29 16.70 9.70
C SER D 294 -6.89 18.01 10.26
N LYS D 295 -6.05 19.01 10.58
CA LYS D 295 -6.47 20.34 11.07
C LYS D 295 -5.78 21.48 10.29
N ILE D 296 -6.52 22.53 9.91
CA ILE D 296 -6.05 23.70 9.14
C ILE D 296 -6.50 24.96 9.90
N GLY D 297 -5.87 25.24 11.03
CA GLY D 297 -6.33 26.27 11.97
C GLY D 297 -6.38 27.77 11.65
N SER D 298 -5.31 28.42 11.20
CA SER D 298 -5.33 29.88 10.97
C SER D 298 -4.65 30.34 9.68
N LEU D 299 -5.40 30.77 8.65
CA LEU D 299 -4.80 31.27 7.40
C LEU D 299 -5.24 32.72 7.15
N ASP D 300 -4.29 33.64 6.92
CA ASP D 300 -4.61 35.06 6.68
C ASP D 300 -4.09 35.60 5.35
N ASN D 301 -5.00 36.16 4.53
CA ASN D 301 -4.67 36.78 3.27
C ASN D 301 -5.12 38.25 3.36
N ILE D 302 -4.22 39.21 3.19
CA ILE D 302 -4.57 40.63 3.33
C ILE D 302 -4.04 41.42 2.14
N THR D 303 -4.88 42.26 1.54
CA THR D 303 -4.45 43.14 0.45
C THR D 303 -4.74 44.58 0.84
N HIS D 304 -3.76 45.46 0.72
CA HIS D 304 -3.80 46.91 1.01
C HIS D 304 -4.37 47.23 2.39
N GLY E 215 -14.71 -45.63 -6.82
CA GLY E 215 -14.71 -44.23 -6.42
C GLY E 215 -14.45 -43.33 -7.62
N LYS E 216 -13.19 -43.25 -8.07
CA LYS E 216 -12.80 -42.44 -9.25
C LYS E 216 -13.21 -40.96 -9.13
N VAL E 217 -13.10 -40.36 -7.95
CA VAL E 217 -13.45 -38.94 -7.78
C VAL E 217 -12.53 -38.05 -8.61
N GLN E 218 -13.11 -37.12 -9.36
CA GLN E 218 -12.41 -36.12 -10.17
C GLN E 218 -12.97 -34.74 -9.85
N ILE E 219 -12.13 -33.78 -9.48
CA ILE E 219 -12.51 -32.40 -9.18
C ILE E 219 -11.69 -31.52 -10.09
N ILE E 220 -12.34 -30.63 -10.83
CA ILE E 220 -11.67 -29.71 -11.75
C ILE E 220 -12.14 -28.31 -11.43
N ASN E 221 -11.20 -27.40 -11.35
CA ASN E 221 -11.46 -26.00 -11.03
C ASN E 221 -10.57 -25.12 -11.90
N LYS E 222 -11.10 -24.69 -13.05
CA LYS E 222 -10.40 -23.83 -14.00
C LYS E 222 -10.94 -22.41 -13.89
N LYS E 223 -10.12 -21.45 -13.46
CA LYS E 223 -10.57 -20.05 -13.41
C LYS E 223 -9.65 -19.16 -14.20
N LEU E 224 -10.20 -18.35 -15.09
CA LEU E 224 -9.46 -17.38 -15.90
C LEU E 224 -9.98 -16.01 -15.46
N ASP E 225 -9.08 -15.14 -15.04
CA ASP E 225 -9.42 -13.82 -14.54
C ASP E 225 -8.77 -12.73 -15.39
N LEU E 226 -9.61 -11.87 -15.96
CA LEU E 226 -9.27 -10.67 -16.72
C LEU E 226 -10.05 -9.63 -15.92
N SER E 227 -9.40 -8.68 -15.26
CA SER E 227 -10.15 -7.72 -14.45
C SER E 227 -9.40 -6.44 -14.17
N ASN E 228 -10.12 -5.35 -14.22
CA ASN E 228 -9.60 -4.04 -13.90
C ASN E 228 -10.32 -3.57 -12.63
N VAL E 229 -9.59 -3.26 -11.56
CA VAL E 229 -10.14 -2.75 -10.32
C VAL E 229 -9.45 -1.41 -10.10
N GLN E 230 -10.17 -0.30 -10.06
CA GLN E 230 -9.49 0.99 -9.90
C GLN E 230 -10.25 2.03 -9.12
N SER E 231 -9.50 2.86 -8.41
CA SER E 231 -10.05 4.03 -7.74
C SER E 231 -9.29 5.27 -8.20
N LYS E 232 -10.00 6.30 -8.68
CA LYS E 232 -9.41 7.57 -9.12
C LYS E 232 -8.34 7.40 -10.21
N CYS E 233 -8.55 6.51 -11.20
CA CYS E 233 -7.54 6.18 -12.21
C CYS E 233 -7.02 7.33 -13.10
N GLY E 234 -7.86 8.17 -13.68
CA GLY E 234 -7.44 9.29 -14.51
C GLY E 234 -8.09 10.56 -14.00
N SER E 235 -7.32 11.61 -13.75
CA SER E 235 -7.88 12.88 -13.30
C SER E 235 -7.03 14.07 -13.78
N LYS E 236 -7.69 15.09 -14.34
CA LYS E 236 -7.07 16.34 -14.80
C LYS E 236 -7.61 17.38 -13.85
N ASP E 237 -6.74 18.05 -13.11
CA ASP E 237 -7.16 19.00 -12.08
C ASP E 237 -6.40 20.33 -12.27
N ASN E 238 -7.09 21.47 -12.35
CA ASN E 238 -6.40 22.74 -12.59
C ASN E 238 -6.89 23.96 -11.83
N ILE E 239 -5.96 24.83 -11.48
CA ILE E 239 -6.24 26.16 -10.94
C ILE E 239 -5.52 26.99 -12.01
N LYS E 240 -6.22 27.91 -12.65
CA LYS E 240 -5.68 28.69 -13.77
C LYS E 240 -6.20 30.11 -13.77
N HIS E 241 -5.44 30.98 -14.44
CA HIS E 241 -5.85 32.34 -14.75
C HIS E 241 -6.36 33.22 -13.62
N VAL E 242 -5.61 33.48 -12.55
CA VAL E 242 -6.00 34.43 -11.47
C VAL E 242 -5.53 35.90 -11.70
N PRO E 243 -6.14 36.77 -12.55
CA PRO E 243 -5.71 38.17 -12.78
C PRO E 243 -6.52 39.23 -12.00
N GLY E 244 -7.31 38.86 -10.99
CA GLY E 244 -8.26 39.77 -10.32
C GLY E 244 -7.71 41.03 -9.63
N GLY E 245 -6.58 40.96 -8.91
CA GLY E 245 -5.96 42.10 -8.21
C GLY E 245 -6.61 42.40 -6.83
N GLY E 246 -7.54 41.53 -6.45
CA GLY E 246 -8.30 41.47 -5.22
C GLY E 246 -7.93 40.16 -4.56
N SER E 247 -7.70 40.15 -3.26
CA SER E 247 -7.26 38.98 -2.51
C SER E 247 -7.94 37.64 -2.87
N VAL E 248 -7.21 36.61 -3.32
CA VAL E 248 -7.80 35.30 -3.66
C VAL E 248 -7.24 34.21 -2.75
N GLN E 249 -8.11 33.45 -2.10
CA GLN E 249 -7.77 32.37 -1.19
C GLN E 249 -8.46 31.07 -1.53
N ILE E 250 -7.73 29.97 -1.59
CA ILE E 250 -8.29 28.67 -1.92
C ILE E 250 -7.67 27.58 -1.07
N VAL E 251 -8.52 26.80 -0.41
CA VAL E 251 -8.10 25.61 0.29
C VAL E 251 -8.70 24.53 -0.57
N TYR E 252 -7.84 23.78 -1.25
CA TYR E 252 -8.20 22.68 -2.13
C TYR E 252 -8.49 21.44 -1.29
N LYS E 253 -9.02 20.35 -1.88
CA LYS E 253 -9.44 19.10 -1.19
C LYS E 253 -8.62 18.77 0.07
N PRO E 254 -9.09 19.14 1.28
CA PRO E 254 -8.35 18.96 2.52
C PRO E 254 -7.90 17.55 2.86
N VAL E 255 -8.79 16.57 2.69
CA VAL E 255 -8.51 15.15 2.88
C VAL E 255 -8.90 14.44 1.58
N ASP E 256 -8.00 13.65 1.00
CA ASP E 256 -8.27 12.93 -0.25
C ASP E 256 -7.60 11.54 -0.15
N LEU E 257 -8.40 10.49 0.06
CA LEU E 257 -7.89 9.16 0.33
C LEU E 257 -8.42 8.11 -0.63
N SER E 258 -7.58 7.23 -1.15
CA SER E 258 -8.05 6.11 -1.97
C SER E 258 -7.51 4.79 -1.41
N LYS E 259 -8.37 3.82 -1.17
CA LYS E 259 -8.02 2.50 -0.63
C LYS E 259 -8.54 1.40 -1.53
N VAL E 260 -7.69 0.46 -1.93
CA VAL E 260 -8.08 -0.72 -2.70
C VAL E 260 -7.58 -1.97 -1.99
N THR E 261 -8.44 -2.93 -1.72
CA THR E 261 -8.07 -4.22 -1.10
C THR E 261 -8.60 -5.33 -1.98
N SER E 262 -7.82 -6.36 -2.28
CA SER E 262 -8.32 -7.47 -3.08
C SER E 262 -7.72 -8.81 -2.67
N LYS E 263 -8.50 -9.87 -2.81
CA LYS E 263 -8.11 -11.26 -2.55
C LYS E 263 -7.57 -11.50 -1.14
N CYS E 264 -8.18 -10.87 -0.14
CA CYS E 264 -7.91 -11.06 1.30
C CYS E 264 -8.56 -12.34 1.86
N GLY E 265 -8.17 -12.79 3.05
CA GLY E 265 -8.64 -14.02 3.74
C GLY E 265 -8.19 -15.34 3.15
N SER E 266 -9.09 -16.30 2.91
CA SER E 266 -8.74 -17.61 2.36
C SER E 266 -9.19 -17.79 0.92
N LEU E 267 -8.29 -18.15 0.01
CA LEU E 267 -8.60 -18.40 -1.42
C LEU E 267 -7.70 -19.47 -2.05
N GLY E 268 -8.19 -20.26 -3.00
CA GLY E 268 -7.36 -21.23 -3.71
C GLY E 268 -6.59 -22.28 -2.86
N ASN E 269 -7.16 -22.83 -1.79
CA ASN E 269 -6.53 -23.83 -0.92
C ASN E 269 -7.17 -25.19 -1.16
N ILE E 270 -6.34 -26.22 -1.31
CA ILE E 270 -6.76 -27.60 -1.58
C ILE E 270 -6.51 -28.47 -0.37
N HIS E 271 -7.56 -29.17 0.07
CA HIS E 271 -7.42 -30.11 1.15
C HIS E 271 -7.88 -31.51 0.71
N HIS E 272 -7.06 -32.54 0.85
CA HIS E 272 -7.47 -33.92 0.60
C HIS E 272 -7.31 -34.51 1.98
N LYS E 273 -8.39 -34.89 2.63
CA LYS E 273 -8.33 -35.34 4.03
C LYS E 273 -9.42 -36.36 4.38
N PRO E 274 -9.33 -37.61 3.92
CA PRO E 274 -10.35 -38.63 4.19
C PRO E 274 -10.13 -39.35 5.52
N GLY E 275 -10.99 -39.08 6.50
CA GLY E 275 -10.99 -39.67 7.84
C GLY E 275 -12.37 -40.14 8.26
N GLY E 276 -12.51 -41.35 8.81
CA GLY E 276 -13.81 -41.87 9.22
C GLY E 276 -14.50 -41.06 10.35
N GLY E 277 -13.76 -40.66 11.39
CA GLY E 277 -14.27 -39.90 12.54
C GLY E 277 -13.38 -38.70 12.85
N GLN E 278 -13.42 -37.65 12.04
CA GLN E 278 -12.51 -36.50 12.13
C GLN E 278 -13.24 -35.24 12.60
N VAL E 279 -12.62 -34.49 13.52
CA VAL E 279 -13.13 -33.24 14.10
C VAL E 279 -12.34 -32.04 13.56
N GLU E 280 -13.07 -31.06 13.04
CA GLU E 280 -12.54 -29.83 12.46
C GLU E 280 -13.23 -28.59 13.04
N VAL E 281 -12.47 -27.65 13.62
CA VAL E 281 -12.98 -26.39 14.19
C VAL E 281 -12.25 -25.27 13.48
N LYS E 282 -12.96 -24.26 12.98
CA LYS E 282 -12.37 -23.15 12.26
C LYS E 282 -13.06 -21.84 12.57
N SER E 283 -12.27 -20.80 12.82
CA SER E 283 -12.74 -19.44 13.03
C SER E 283 -12.00 -18.55 12.04
N GLU E 284 -12.70 -17.66 11.33
CA GLU E 284 -12.12 -16.71 10.38
C GLU E 284 -12.79 -15.36 10.58
N LYS E 285 -12.04 -14.37 11.05
CA LYS E 285 -12.58 -13.04 11.28
C LYS E 285 -11.84 -11.97 10.50
N LEU E 286 -12.57 -11.13 9.80
CA LEU E 286 -12.07 -10.02 8.99
C LEU E 286 -12.64 -8.77 9.65
N ASP E 287 -11.80 -7.86 10.13
CA ASP E 287 -12.27 -6.60 10.69
C ASP E 287 -11.52 -5.47 9.96
N PHE E 288 -12.23 -4.59 9.28
CA PHE E 288 -11.62 -3.48 8.53
C PHE E 288 -12.22 -2.18 9.03
N LYS E 289 -11.54 -1.47 9.94
CA LYS E 289 -12.07 -0.19 10.45
C LYS E 289 -11.23 1.03 10.06
N ASP E 290 -11.88 2.02 9.47
CA ASP E 290 -11.27 3.27 9.03
C ASP E 290 -11.97 4.40 9.79
N ARG E 291 -11.22 5.33 10.39
CA ARG E 291 -11.78 6.53 11.06
C ARG E 291 -11.12 7.78 10.47
N VAL E 292 -11.91 8.73 9.96
CA VAL E 292 -11.43 9.97 9.34
C VAL E 292 -11.99 11.22 10.04
N GLN E 293 -11.16 12.19 10.40
CA GLN E 293 -11.54 13.42 11.11
C GLN E 293 -10.86 14.65 10.51
N SER E 294 -11.66 15.62 10.03
CA SER E 294 -11.18 16.88 9.43
C SER E 294 -11.76 18.13 10.10
N LYS E 295 -10.96 19.14 10.49
CA LYS E 295 -11.41 20.42 11.07
C LYS E 295 -10.74 21.60 10.35
N ILE E 296 -11.49 22.65 9.98
CA ILE E 296 -11.02 23.87 9.27
C ILE E 296 -11.54 25.12 10.00
N GLY E 297 -10.97 25.41 11.17
CA GLY E 297 -11.45 26.46 12.08
C GLY E 297 -11.42 27.96 11.74
N SER E 298 -10.31 28.60 11.34
CA SER E 298 -10.31 30.07 11.08
C SER E 298 -9.55 30.51 9.83
N LEU E 299 -10.25 30.94 8.78
CA LEU E 299 -9.65 31.44 7.55
C LEU E 299 -10.09 32.90 7.34
N ASP E 300 -9.19 33.86 7.12
CA ASP E 300 -9.50 35.27 6.90
C ASP E 300 -8.98 35.79 5.56
N ASN E 301 -9.86 36.39 4.77
CA ASN E 301 -9.56 37.04 3.49
C ASN E 301 -9.94 38.52 3.62
N ILE E 302 -9.04 39.48 3.43
CA ILE E 302 -9.30 40.93 3.56
C ILE E 302 -8.79 41.68 2.34
N THR E 303 -9.60 42.59 1.80
CA THR E 303 -9.28 43.49 0.67
C THR E 303 -9.59 44.93 1.07
N HIS E 304 -8.69 45.88 0.82
CA HIS E 304 -8.89 47.31 1.15
C HIS E 304 -9.34 47.49 2.60
#